data_2OUC
#
_entry.id   2OUC
#
_cell.length_a   49.296
_cell.length_b   52.164
_cell.length_c   62.267
_cell.angle_alpha   90.00
_cell.angle_beta   89.36
_cell.angle_gamma   90.00
#
_symmetry.space_group_name_H-M   'P 1 21 1'
#
loop_
_entity.id
_entity.type
_entity.pdbx_description
1 polymer 'Dual specificity protein phosphatase 10'
2 water water
#
_entity_poly.entity_id   1
_entity_poly.type   'polypeptide(L)'
_entity_poly.pdbx_seq_one_letter_code
;KIIYPNDLAKKMTKCSKSHLPSQGPVIIDCRPFMEYNKSHIQGAVHINCADKISRRRLQQGKITVLDLISCREGKDSFKR
IFSKEIIVYDENTNEPSRVMPSQPLHIVLESLKREGKEPLVLKGGLSSFKQNHENLCDNSKE
;
_entity_poly.pdbx_strand_id   A,B
#
# COMPACT_ATOMS: atom_id res chain seq x y z
N LYS A 1 -14.12 11.32 -13.01
CA LYS A 1 -14.10 10.04 -13.78
C LYS A 1 -12.70 9.44 -13.75
N ILE A 2 -11.79 10.09 -13.02
CA ILE A 2 -10.42 9.59 -12.92
C ILE A 2 -9.97 9.46 -11.49
N ILE A 3 -9.00 8.57 -11.28
CA ILE A 3 -8.43 8.31 -9.97
C ILE A 3 -6.95 8.00 -10.13
N TYR A 4 -6.14 8.54 -9.21
CA TYR A 4 -4.68 8.33 -9.25
C TYR A 4 -4.28 7.06 -8.50
N PRO A 5 -3.17 6.43 -8.92
CA PRO A 5 -2.67 5.19 -8.30
C PRO A 5 -2.63 5.27 -6.77
N ASN A 6 -1.84 6.19 -6.25
CA ASN A 6 -1.73 6.34 -4.81
C ASN A 6 -3.11 6.51 -4.20
N ASP A 7 -4.04 7.06 -4.98
CA ASP A 7 -5.40 7.25 -4.49
C ASP A 7 -6.12 5.91 -4.47
N LEU A 8 -5.84 5.08 -5.47
CA LEU A 8 -6.44 3.76 -5.54
C LEU A 8 -5.85 2.92 -4.40
N ALA A 9 -4.57 3.14 -4.11
CA ALA A 9 -3.88 2.41 -3.06
C ALA A 9 -4.51 2.67 -1.70
N LYS A 10 -4.86 3.92 -1.43
CA LYS A 10 -5.48 4.26 -0.16
C LYS A 10 -6.81 3.52 -0.02
N LYS A 11 -7.67 3.65 -1.03
CA LYS A 11 -8.95 2.99 -1.00
C LYS A 11 -8.84 1.47 -0.94
N MET A 12 -7.77 0.92 -1.51
CA MET A 12 -7.58 -0.53 -1.48
C MET A 12 -7.22 -0.97 -0.06
N THR A 13 -6.72 -0.03 0.73
CA THR A 13 -6.33 -0.32 2.11
C THR A 13 -7.35 0.13 3.15
N LYS A 14 -8.07 1.21 2.89
CA LYS A 14 -9.07 1.72 3.82
C LYS A 14 -9.99 0.62 4.35
N PRO A 25 -13.79 -1.15 -2.84
CA PRO A 25 -14.16 -0.75 -4.20
C PRO A 25 -13.94 -1.89 -5.19
N VAL A 26 -14.78 -1.93 -6.22
CA VAL A 26 -14.64 -2.96 -7.23
C VAL A 26 -13.61 -2.48 -8.21
N ILE A 27 -12.76 -3.39 -8.66
CA ILE A 27 -11.70 -3.07 -9.58
C ILE A 27 -11.81 -3.98 -10.79
N ILE A 28 -11.85 -3.37 -11.97
CA ILE A 28 -12.00 -4.11 -13.22
C ILE A 28 -10.85 -3.96 -14.22
N ASP A 29 -10.23 -5.09 -14.55
CA ASP A 29 -9.12 -5.16 -15.49
C ASP A 29 -9.64 -5.33 -16.93
N CYS A 30 -9.28 -4.39 -17.80
CA CYS A 30 -9.71 -4.40 -19.20
C CYS A 30 -8.63 -4.77 -20.21
N ARG A 31 -7.58 -5.45 -19.75
CA ARG A 31 -6.49 -5.87 -20.63
C ARG A 31 -6.75 -7.28 -21.14
N PRO A 32 -5.99 -7.73 -22.14
CA PRO A 32 -6.19 -9.09 -22.66
C PRO A 32 -6.08 -10.09 -21.52
N PHE A 33 -6.90 -11.14 -21.56
CA PHE A 33 -6.88 -12.15 -20.51
C PHE A 33 -5.47 -12.65 -20.19
N MET A 34 -4.64 -12.84 -21.22
CA MET A 34 -3.27 -13.31 -21.01
C MET A 34 -2.47 -12.35 -20.13
N GLU A 35 -2.68 -11.05 -20.34
CA GLU A 35 -1.97 -10.05 -19.55
C GLU A 35 -2.47 -10.18 -18.11
N TYR A 36 -3.79 -10.16 -17.97
CA TYR A 36 -4.43 -10.27 -16.65
C TYR A 36 -3.77 -11.38 -15.84
N ASN A 37 -3.68 -12.57 -16.44
CA ASN A 37 -3.08 -13.71 -15.75
C ASN A 37 -1.63 -13.50 -15.38
N LYS A 38 -0.88 -12.78 -16.22
CA LYS A 38 0.52 -12.52 -15.91
C LYS A 38 0.59 -11.59 -14.70
N SER A 39 -0.27 -10.58 -14.69
CA SER A 39 -0.26 -9.62 -13.60
C SER A 39 -1.46 -8.70 -13.64
N HIS A 40 -2.00 -8.40 -12.47
CA HIS A 40 -3.14 -7.51 -12.35
C HIS A 40 -3.23 -7.00 -10.93
N ILE A 41 -4.11 -6.02 -10.73
CA ILE A 41 -4.31 -5.45 -9.40
C ILE A 41 -5.08 -6.45 -8.54
N GLN A 42 -4.64 -6.61 -7.30
CA GLN A 42 -5.26 -7.57 -6.38
C GLN A 42 -6.77 -7.41 -6.24
N GLY A 43 -7.49 -8.51 -6.42
CA GLY A 43 -8.93 -8.49 -6.31
C GLY A 43 -9.63 -8.06 -7.59
N ALA A 44 -8.87 -7.58 -8.56
CA ALA A 44 -9.46 -7.13 -9.82
C ALA A 44 -10.17 -8.25 -10.58
N VAL A 45 -11.28 -7.86 -11.21
CA VAL A 45 -12.10 -8.75 -12.00
C VAL A 45 -11.76 -8.51 -13.48
N HIS A 46 -11.57 -9.59 -14.22
CA HIS A 46 -11.24 -9.47 -15.64
C HIS A 46 -12.49 -9.62 -16.50
N ILE A 47 -12.71 -8.67 -17.40
CA ILE A 47 -13.87 -8.70 -18.31
C ILE A 47 -13.40 -9.07 -19.71
N ASN A 48 -14.02 -10.09 -20.29
CA ASN A 48 -13.64 -10.57 -21.60
C ASN A 48 -14.19 -9.78 -22.80
N CYS A 49 -13.32 -9.02 -23.45
CA CYS A 49 -13.70 -8.26 -24.62
C CYS A 49 -12.98 -8.80 -25.84
N ALA A 50 -12.13 -9.79 -25.62
CA ALA A 50 -11.38 -10.41 -26.70
C ALA A 50 -12.31 -11.31 -27.51
N ASP A 51 -12.98 -12.22 -26.82
CA ASP A 51 -13.90 -13.14 -27.47
C ASP A 51 -15.06 -12.38 -28.09
N LYS A 52 -15.38 -12.71 -29.34
CA LYS A 52 -16.46 -12.06 -30.09
C LYS A 52 -17.83 -12.26 -29.45
N ILE A 53 -18.12 -13.48 -29.00
CA ILE A 53 -19.40 -13.76 -28.38
C ILE A 53 -19.58 -12.86 -27.16
N SER A 54 -18.58 -12.87 -26.28
CA SER A 54 -18.61 -12.06 -25.07
C SER A 54 -18.62 -10.57 -25.41
N ARG A 55 -17.71 -10.18 -26.29
CA ARG A 55 -17.59 -8.78 -26.73
C ARG A 55 -18.95 -8.27 -27.18
N ARG A 56 -19.52 -8.94 -28.16
CA ARG A 56 -20.82 -8.55 -28.72
C ARG A 56 -21.90 -8.50 -27.65
N ARG A 57 -21.99 -9.58 -26.87
CA ARG A 57 -23.00 -9.69 -25.82
C ARG A 57 -22.93 -8.51 -24.82
N LEU A 58 -21.72 -8.06 -24.53
CA LEU A 58 -21.56 -6.92 -23.63
C LEU A 58 -21.94 -5.64 -24.37
N GLN A 59 -21.55 -5.55 -25.64
CA GLN A 59 -21.85 -4.38 -26.45
C GLN A 59 -23.34 -4.22 -26.74
N GLN A 60 -24.02 -5.33 -26.95
CA GLN A 60 -25.46 -5.30 -27.24
C GLN A 60 -26.27 -5.18 -25.97
N GLY A 61 -25.57 -5.09 -24.83
CA GLY A 61 -26.27 -4.98 -23.57
C GLY A 61 -27.04 -6.23 -23.19
N LYS A 62 -26.61 -7.38 -23.70
CA LYS A 62 -27.29 -8.63 -23.38
C LYS A 62 -26.75 -9.19 -22.08
N ILE A 63 -25.51 -8.82 -21.76
CA ILE A 63 -24.93 -9.24 -20.50
C ILE A 63 -24.38 -7.98 -19.89
N THR A 64 -24.63 -7.77 -18.60
CA THR A 64 -24.14 -6.55 -17.94
C THR A 64 -22.88 -6.83 -17.15
N VAL A 65 -22.00 -5.84 -17.08
CA VAL A 65 -20.76 -5.97 -16.34
C VAL A 65 -21.06 -6.17 -14.86
N LEU A 66 -22.06 -5.45 -14.34
CA LEU A 66 -22.39 -5.61 -12.93
C LEU A 66 -22.81 -7.05 -12.69
N ASP A 67 -23.51 -7.64 -13.66
CA ASP A 67 -23.93 -9.03 -13.57
C ASP A 67 -22.74 -9.97 -13.45
N LEU A 68 -21.75 -9.76 -14.31
CA LEU A 68 -20.54 -10.58 -14.31
C LEU A 68 -19.83 -10.54 -12.98
N ILE A 69 -20.10 -9.49 -12.20
CA ILE A 69 -19.47 -9.34 -10.90
C ILE A 69 -20.40 -9.86 -9.81
N SER A 70 -21.62 -9.34 -9.76
CA SER A 70 -22.58 -9.74 -8.73
C SER A 70 -22.96 -11.23 -8.70
N CYS A 71 -23.17 -11.82 -9.86
CA CYS A 71 -23.57 -13.22 -9.94
C CYS A 71 -22.57 -14.23 -9.41
N ARG A 72 -21.45 -13.76 -8.90
CA ARG A 72 -20.45 -14.67 -8.34
C ARG A 72 -20.32 -14.53 -6.84
N GLU A 73 -21.01 -13.54 -6.28
CA GLU A 73 -20.97 -13.26 -4.85
C GLU A 73 -22.14 -13.81 -4.03
N GLY A 74 -22.74 -12.96 -3.19
CA GLY A 74 -23.82 -13.44 -2.36
C GLY A 74 -25.06 -12.61 -2.14
N LYS A 75 -25.70 -12.88 -1.00
CA LYS A 75 -26.94 -12.25 -0.58
C LYS A 75 -27.33 -10.87 -1.06
N ASP A 76 -26.60 -9.85 -0.64
CA ASP A 76 -26.98 -8.50 -1.04
C ASP A 76 -25.99 -7.97 -2.07
N SER A 77 -25.27 -8.90 -2.66
CA SER A 77 -24.27 -8.63 -3.66
C SER A 77 -24.57 -7.44 -4.58
N PHE A 78 -25.68 -7.51 -5.30
CA PHE A 78 -26.04 -6.46 -6.24
C PHE A 78 -26.23 -5.08 -5.64
N LYS A 79 -26.98 -5.00 -4.54
CA LYS A 79 -27.22 -3.72 -3.87
C LYS A 79 -25.91 -3.12 -3.39
N ARG A 80 -25.06 -3.98 -2.84
CA ARG A 80 -23.76 -3.57 -2.31
C ARG A 80 -22.82 -2.99 -3.38
N ILE A 81 -22.76 -3.66 -4.53
CA ILE A 81 -21.91 -3.22 -5.63
C ILE A 81 -22.37 -1.89 -6.19
N PHE A 82 -23.68 -1.72 -6.27
CA PHE A 82 -24.25 -0.49 -6.78
C PHE A 82 -23.88 0.69 -5.89
N SER A 83 -23.58 0.40 -4.61
CA SER A 83 -23.21 1.44 -3.65
C SER A 83 -21.71 1.75 -3.66
N LYS A 84 -20.90 0.79 -4.09
CA LYS A 84 -19.46 0.95 -4.12
C LYS A 84 -19.00 1.77 -5.33
N GLU A 85 -17.73 2.16 -5.31
CA GLU A 85 -17.13 2.90 -6.42
C GLU A 85 -16.60 1.81 -7.35
N ILE A 86 -16.68 2.02 -8.65
CA ILE A 86 -16.16 1.02 -9.58
C ILE A 86 -14.95 1.62 -10.28
N ILE A 87 -13.81 0.96 -10.12
CA ILE A 87 -12.59 1.43 -10.75
C ILE A 87 -12.27 0.51 -11.92
N VAL A 88 -12.01 1.10 -13.07
CA VAL A 88 -11.68 0.34 -14.26
C VAL A 88 -10.30 0.81 -14.68
N TYR A 89 -9.45 -0.12 -15.12
CA TYR A 89 -8.13 0.27 -15.55
C TYR A 89 -7.69 -0.47 -16.79
N ASP A 90 -6.82 0.20 -17.56
CA ASP A 90 -6.24 -0.28 -18.81
C ASP A 90 -4.77 -0.66 -18.54
N GLU A 91 -3.98 -0.73 -19.60
CA GLU A 91 -2.56 -1.04 -19.46
C GLU A 91 -1.79 0.23 -19.17
N ASN A 92 -2.24 1.35 -19.76
CA ASN A 92 -1.57 2.63 -19.56
C ASN A 92 -2.35 3.87 -19.99
N THR A 93 -3.67 3.74 -20.19
CA THR A 93 -4.46 4.89 -20.60
C THR A 93 -4.43 6.02 -19.57
N ASN A 94 -4.35 7.26 -20.06
CA ASN A 94 -4.29 8.45 -19.22
C ASN A 94 -5.59 9.25 -19.19
N GLU A 95 -6.13 9.57 -20.36
CA GLU A 95 -7.38 10.33 -20.40
C GLU A 95 -8.54 9.59 -21.05
N PRO A 96 -9.59 9.31 -20.26
CA PRO A 96 -10.80 8.61 -20.73
C PRO A 96 -11.40 9.22 -21.99
N SER A 97 -11.60 10.53 -21.96
CA SER A 97 -12.19 11.22 -23.10
C SER A 97 -11.51 10.83 -24.41
N ARG A 98 -10.25 10.41 -24.34
CA ARG A 98 -9.53 10.02 -25.55
C ARG A 98 -9.45 8.52 -25.81
N VAL A 99 -10.40 7.77 -25.25
CA VAL A 99 -10.44 6.32 -25.43
C VAL A 99 -11.25 5.95 -26.68
N MET A 100 -10.61 5.28 -27.64
CA MET A 100 -11.30 4.88 -28.86
C MET A 100 -12.42 3.87 -28.55
N PRO A 101 -13.58 4.03 -29.22
CA PRO A 101 -14.78 3.20 -29.08
C PRO A 101 -14.55 1.70 -29.25
N SER A 102 -13.43 1.34 -29.84
CA SER A 102 -13.10 -0.06 -30.06
C SER A 102 -12.38 -0.74 -28.90
N GLN A 103 -11.77 0.05 -28.01
CA GLN A 103 -11.03 -0.52 -26.89
C GLN A 103 -11.92 -1.03 -25.75
N PRO A 104 -11.55 -2.19 -25.17
CA PRO A 104 -12.31 -2.79 -24.07
C PRO A 104 -12.63 -1.74 -23.00
N LEU A 105 -11.66 -0.89 -22.70
CA LEU A 105 -11.86 0.14 -21.69
C LEU A 105 -13.13 0.91 -22.04
N HIS A 106 -13.30 1.25 -23.31
CA HIS A 106 -14.51 1.98 -23.71
C HIS A 106 -15.76 1.12 -23.63
N ILE A 107 -15.63 -0.16 -23.97
CA ILE A 107 -16.74 -1.08 -23.90
C ILE A 107 -17.24 -1.20 -22.46
N VAL A 108 -16.36 -1.61 -21.57
CA VAL A 108 -16.70 -1.76 -20.16
C VAL A 108 -17.25 -0.46 -19.60
N LEU A 109 -16.69 0.65 -20.04
CA LEU A 109 -17.10 1.97 -19.59
C LEU A 109 -18.56 2.31 -19.97
N GLU A 110 -18.87 2.17 -21.26
CA GLU A 110 -20.22 2.46 -21.75
C GLU A 110 -21.25 1.54 -21.06
N SER A 111 -20.85 0.29 -20.86
CA SER A 111 -21.70 -0.69 -20.22
C SER A 111 -22.04 -0.31 -18.77
N LEU A 112 -21.07 0.22 -18.05
CA LEU A 112 -21.30 0.62 -16.67
C LEU A 112 -22.21 1.82 -16.58
N LYS A 113 -22.00 2.82 -17.44
CA LYS A 113 -22.85 4.01 -17.45
C LYS A 113 -24.29 3.56 -17.68
N ARG A 114 -24.44 2.72 -18.69
CA ARG A 114 -25.73 2.16 -19.08
C ARG A 114 -26.41 1.48 -17.90
N GLU A 115 -25.62 0.79 -17.08
CA GLU A 115 -26.17 0.09 -15.93
C GLU A 115 -26.43 1.01 -14.75
N GLY A 116 -26.18 2.31 -14.96
CA GLY A 116 -26.44 3.29 -13.92
C GLY A 116 -25.31 3.64 -12.98
N LYS A 117 -24.07 3.40 -13.38
CA LYS A 117 -22.91 3.71 -12.55
C LYS A 117 -21.93 4.65 -13.25
N GLU A 118 -21.25 5.46 -12.46
CA GLU A 118 -20.26 6.40 -12.97
C GLU A 118 -18.88 5.93 -12.56
N PRO A 119 -18.27 5.04 -13.35
CA PRO A 119 -16.95 4.43 -13.16
C PRO A 119 -15.81 5.43 -13.17
N LEU A 120 -14.71 5.07 -12.52
CA LEU A 120 -13.52 5.90 -12.48
C LEU A 120 -12.45 5.14 -13.25
N VAL A 121 -11.60 5.88 -13.97
CA VAL A 121 -10.51 5.27 -14.73
C VAL A 121 -9.17 5.44 -14.01
N LEU A 122 -8.42 4.35 -13.86
CA LEU A 122 -7.11 4.44 -13.21
C LEU A 122 -6.19 5.25 -14.12
N LYS A 123 -5.88 6.48 -13.72
CA LYS A 123 -5.02 7.36 -14.51
C LYS A 123 -3.65 6.74 -14.73
N GLY A 124 -3.36 6.37 -15.97
CA GLY A 124 -2.08 5.77 -16.28
C GLY A 124 -2.09 4.25 -16.35
N GLY A 125 -3.24 3.64 -16.05
CA GLY A 125 -3.33 2.20 -16.14
C GLY A 125 -2.42 1.45 -15.18
N LEU A 126 -2.22 0.16 -15.45
CA LEU A 126 -1.38 -0.66 -14.61
C LEU A 126 0.07 -0.19 -14.66
N SER A 127 0.56 0.08 -15.87
CA SER A 127 1.93 0.56 -16.04
C SER A 127 2.30 1.53 -14.92
N SER A 128 1.53 2.61 -14.81
CA SER A 128 1.78 3.61 -13.78
C SER A 128 1.52 3.11 -12.36
N PHE A 129 0.60 2.16 -12.20
CA PHE A 129 0.28 1.65 -10.87
C PHE A 129 1.38 0.77 -10.30
N LYS A 130 1.93 -0.10 -11.14
CA LYS A 130 2.97 -1.01 -10.69
C LYS A 130 4.30 -0.31 -10.39
N GLN A 131 4.37 1.00 -10.65
CA GLN A 131 5.58 1.78 -10.39
C GLN A 131 5.94 1.79 -8.91
N ASN A 132 4.96 2.15 -8.08
CA ASN A 132 5.15 2.22 -6.64
C ASN A 132 4.21 1.30 -5.89
N HIS A 133 3.41 0.52 -6.62
CA HIS A 133 2.47 -0.38 -5.95
C HIS A 133 2.46 -1.76 -6.54
N GLU A 134 3.64 -2.26 -6.87
CA GLU A 134 3.74 -3.60 -7.43
C GLU A 134 3.28 -4.51 -6.31
N ASN A 135 3.39 -4.01 -5.08
CA ASN A 135 3.00 -4.75 -3.89
C ASN A 135 1.51 -5.04 -3.86
N LEU A 136 0.74 -4.25 -4.61
CA LEU A 136 -0.70 -4.43 -4.66
C LEU A 136 -1.18 -5.17 -5.90
N CYS A 137 -0.29 -5.89 -6.55
CA CYS A 137 -0.65 -6.65 -7.74
C CYS A 137 -0.37 -8.13 -7.51
N ASP A 138 -1.10 -8.98 -8.22
CA ASP A 138 -0.90 -10.41 -8.12
C ASP A 138 -0.19 -10.86 -9.39
N ASN A 139 1.02 -11.37 -9.24
CA ASN A 139 1.79 -11.84 -10.39
C ASN A 139 1.75 -13.35 -10.42
N SER A 140 1.60 -13.91 -11.62
CA SER A 140 1.51 -15.37 -11.76
C SER A 140 2.79 -16.11 -12.07
N LYS A 141 2.80 -17.36 -11.62
CA LYS A 141 3.91 -18.27 -11.80
C LYS A 141 3.86 -18.77 -13.24
N GLU A 142 4.50 -18.03 -14.13
CA GLU A 142 4.52 -18.37 -15.54
C GLU A 142 5.46 -17.41 -16.27
N LYS B 1 22.18 -1.66 5.15
CA LYS B 1 22.14 -0.43 6.01
C LYS B 1 20.85 0.36 5.83
N ILE B 2 20.50 0.65 4.59
CA ILE B 2 19.30 1.42 4.31
C ILE B 2 18.23 0.61 3.58
N ILE B 3 17.02 1.15 3.55
CA ILE B 3 15.92 0.49 2.88
C ILE B 3 15.05 1.55 2.21
N TYR B 4 14.76 1.31 0.94
CA TYR B 4 13.94 2.21 0.16
C TYR B 4 12.45 2.02 0.45
N PRO B 5 11.65 3.09 0.28
CA PRO B 5 10.21 3.12 0.50
C PRO B 5 9.43 1.97 -0.15
N ASN B 6 9.73 1.68 -1.41
CA ASN B 6 9.05 0.59 -2.11
C ASN B 6 9.43 -0.79 -1.59
N ASP B 7 10.68 -0.97 -1.19
CA ASP B 7 11.08 -2.26 -0.67
C ASP B 7 10.44 -2.49 0.69
N LEU B 8 10.22 -1.42 1.44
CA LEU B 8 9.60 -1.54 2.76
C LEU B 8 8.14 -1.90 2.58
N ALA B 9 7.49 -1.15 1.68
CA ALA B 9 6.08 -1.36 1.37
C ALA B 9 5.82 -2.82 1.06
N LYS B 10 6.69 -3.41 0.25
CA LYS B 10 6.57 -4.81 -0.12
C LYS B 10 6.70 -5.70 1.12
N LYS B 11 7.73 -5.45 1.92
CA LYS B 11 7.97 -6.22 3.13
C LYS B 11 6.80 -6.11 4.12
N MET B 12 6.12 -4.98 4.12
CA MET B 12 5.00 -4.77 5.02
C MET B 12 3.77 -5.55 4.60
N THR B 13 3.75 -6.01 3.36
CA THR B 13 2.60 -6.76 2.84
C THR B 13 3.05 -8.07 2.20
N LYS B 14 2.92 -9.16 2.95
CA LYS B 14 3.29 -10.49 2.49
C LYS B 14 2.65 -11.54 3.39
N PRO B 25 7.78 -6.93 9.35
CA PRO B 25 8.95 -6.56 10.17
C PRO B 25 8.63 -5.58 11.28
N VAL B 26 9.54 -5.48 12.25
CA VAL B 26 9.36 -4.55 13.35
C VAL B 26 9.84 -3.18 12.86
N ILE B 27 8.95 -2.20 12.91
CA ILE B 27 9.25 -0.85 12.46
C ILE B 27 9.27 0.11 13.64
N ILE B 28 10.34 0.88 13.75
CA ILE B 28 10.51 1.84 14.83
C ILE B 28 10.50 3.29 14.31
N ASP B 29 9.65 4.11 14.92
CA ASP B 29 9.51 5.52 14.57
C ASP B 29 10.42 6.28 15.53
N CYS B 30 11.32 7.09 14.97
CA CYS B 30 12.26 7.89 15.77
C CYS B 30 12.03 9.38 15.60
N ARG B 31 10.76 9.78 15.60
CA ARG B 31 10.39 11.19 15.46
C ARG B 31 9.83 11.64 16.79
N PRO B 32 9.50 12.94 16.93
CA PRO B 32 8.94 13.39 18.21
C PRO B 32 7.54 12.79 18.41
N PHE B 33 7.17 12.53 19.66
CA PHE B 33 5.87 11.94 19.95
C PHE B 33 4.74 12.69 19.26
N MET B 34 4.86 14.02 19.19
CA MET B 34 3.82 14.84 18.55
C MET B 34 3.67 14.50 17.06
N GLU B 35 4.78 14.27 16.38
CA GLU B 35 4.72 13.92 14.96
C GLU B 35 4.16 12.50 14.79
N TYR B 36 4.57 11.60 15.66
CA TYR B 36 4.13 10.21 15.62
C TYR B 36 2.61 10.06 15.62
N ASN B 37 1.94 10.80 16.50
CA ASN B 37 0.49 10.70 16.56
C ASN B 37 -0.19 11.26 15.32
N LYS B 38 0.22 12.45 14.90
CA LYS B 38 -0.35 13.05 13.71
C LYS B 38 -0.15 12.09 12.54
N SER B 39 0.92 11.31 12.59
CA SER B 39 1.20 10.34 11.53
C SER B 39 2.40 9.42 11.83
N HIS B 40 2.33 8.20 11.31
CA HIS B 40 3.42 7.23 11.48
C HIS B 40 3.13 6.02 10.60
N ILE B 41 4.15 5.21 10.36
CA ILE B 41 3.97 4.02 9.53
C ILE B 41 3.14 2.99 10.27
N GLN B 42 2.19 2.38 9.56
CA GLN B 42 1.32 1.37 10.13
C GLN B 42 2.09 0.37 10.97
N GLY B 43 1.75 0.29 12.26
CA GLY B 43 2.40 -0.66 13.15
C GLY B 43 3.72 -0.23 13.73
N ALA B 44 4.20 0.96 13.38
CA ALA B 44 5.48 1.41 13.91
C ALA B 44 5.35 1.70 15.39
N VAL B 45 6.41 1.41 16.12
CA VAL B 45 6.47 1.64 17.55
C VAL B 45 7.32 2.88 17.83
N HIS B 46 6.78 3.81 18.60
CA HIS B 46 7.49 5.03 18.93
C HIS B 46 8.42 4.85 20.12
N ILE B 47 9.62 5.40 20.00
CA ILE B 47 10.59 5.33 21.09
C ILE B 47 10.79 6.76 21.58
N ASN B 48 10.72 6.92 22.89
CA ASN B 48 10.85 8.25 23.49
C ASN B 48 12.30 8.69 23.72
N CYS B 49 12.74 9.66 22.93
CA CYS B 49 14.09 10.19 23.08
C CYS B 49 14.02 11.65 23.54
N ALA B 50 12.80 12.15 23.75
CA ALA B 50 12.61 13.53 24.17
C ALA B 50 12.83 13.66 25.68
N ASP B 51 12.03 12.92 26.43
CA ASP B 51 12.12 12.91 27.88
C ASP B 51 13.52 12.48 28.28
N LYS B 52 14.17 13.30 29.10
CA LYS B 52 15.54 13.05 29.56
C LYS B 52 15.69 11.76 30.37
N ILE B 53 14.61 11.32 31.00
CA ILE B 53 14.64 10.10 31.79
C ILE B 53 14.81 8.85 30.91
N SER B 54 13.96 8.70 29.90
CA SER B 54 14.09 7.54 29.01
C SER B 54 15.32 7.69 28.11
N ARG B 55 15.48 8.86 27.49
CA ARG B 55 16.64 9.09 26.64
C ARG B 55 17.90 8.63 27.37
N ARG B 56 17.96 8.92 28.67
CA ARG B 56 19.12 8.54 29.46
C ARG B 56 19.15 7.08 29.88
N ARG B 57 18.01 6.52 30.26
CA ARG B 57 18.00 5.12 30.64
C ARG B 57 18.32 4.27 29.41
N LEU B 58 18.12 4.86 28.23
CA LEU B 58 18.40 4.19 26.95
C LEU B 58 19.87 4.35 26.60
N GLN B 59 20.37 5.57 26.62
CA GLN B 59 21.77 5.83 26.29
C GLN B 59 22.66 4.98 27.20
N GLN B 60 22.11 4.61 28.35
CA GLN B 60 22.80 3.74 29.29
C GLN B 60 22.40 2.33 28.84
N GLY B 61 21.57 1.66 29.64
CA GLY B 61 21.11 0.33 29.31
C GLY B 61 20.04 -0.15 30.26
N LYS B 62 19.55 0.75 31.13
CA LYS B 62 18.49 0.38 32.06
C LYS B 62 17.22 0.00 31.30
N ILE B 63 17.21 0.35 30.02
CA ILE B 63 16.10 0.05 29.13
C ILE B 63 16.67 -0.02 27.72
N THR B 64 16.18 -0.98 26.93
CA THR B 64 16.64 -1.15 25.56
C THR B 64 15.43 -1.20 24.65
N VAL B 65 15.63 -0.81 23.40
CA VAL B 65 14.54 -0.82 22.45
C VAL B 65 13.87 -2.18 22.36
N LEU B 66 14.65 -3.26 22.42
CA LEU B 66 14.06 -4.60 22.31
C LEU B 66 13.13 -4.82 23.49
N ASP B 67 13.58 -4.43 24.67
CA ASP B 67 12.77 -4.54 25.89
C ASP B 67 11.42 -3.88 25.70
N LEU B 68 11.46 -2.63 25.26
CA LEU B 68 10.26 -1.84 25.04
C LEU B 68 9.27 -2.51 24.10
N ILE B 69 9.78 -3.36 23.22
CA ILE B 69 8.89 -4.04 22.28
C ILE B 69 8.37 -5.35 22.87
N SER B 70 9.28 -6.23 23.29
CA SER B 70 8.90 -7.53 23.84
C SER B 70 8.22 -7.55 25.20
N CYS B 71 8.55 -6.61 26.07
CA CYS B 71 7.94 -6.63 27.39
C CYS B 71 6.48 -6.22 27.37
N ARG B 72 5.96 -6.05 26.15
CA ARG B 72 4.57 -5.68 25.95
C ARG B 72 3.83 -6.77 25.17
N GLU B 73 4.57 -7.79 24.71
CA GLU B 73 3.95 -8.87 23.94
C GLU B 73 3.67 -10.11 24.79
N GLY B 74 3.98 -11.30 24.26
CA GLY B 74 3.71 -12.51 25.04
C GLY B 74 4.80 -13.56 25.21
N LYS B 75 4.38 -14.82 25.04
CA LYS B 75 5.26 -15.97 25.21
C LYS B 75 6.69 -15.84 24.70
N ASP B 76 6.96 -16.22 23.46
CA ASP B 76 8.33 -16.12 22.99
C ASP B 76 8.56 -14.79 22.30
N SER B 77 8.46 -13.71 23.08
CA SER B 77 8.61 -12.37 22.57
C SER B 77 10.05 -12.06 22.17
N PHE B 78 10.98 -12.22 23.10
CA PHE B 78 12.37 -11.92 22.81
C PHE B 78 12.96 -12.79 21.71
N LYS B 79 12.67 -14.09 21.74
CA LYS B 79 13.16 -15.03 20.74
C LYS B 79 12.69 -14.66 19.34
N ARG B 80 11.39 -14.37 19.22
CA ARG B 80 10.81 -14.01 17.92
C ARG B 80 11.30 -12.68 17.34
N ILE B 81 11.35 -11.64 18.16
CA ILE B 81 11.78 -10.34 17.70
C ILE B 81 13.25 -10.35 17.32
N PHE B 82 14.05 -11.17 17.99
CA PHE B 82 15.48 -11.23 17.69
C PHE B 82 15.79 -11.82 16.31
N SER B 83 14.81 -12.48 15.70
CA SER B 83 15.02 -13.07 14.37
C SER B 83 14.42 -12.17 13.30
N LYS B 84 13.45 -11.36 13.70
CA LYS B 84 12.80 -10.44 12.78
C LYS B 84 13.71 -9.28 12.42
N GLU B 85 13.48 -8.71 11.24
CA GLU B 85 14.26 -7.58 10.75
C GLU B 85 13.70 -6.33 11.42
N ILE B 86 14.57 -5.43 11.85
CA ILE B 86 14.16 -4.18 12.48
C ILE B 86 14.36 -3.00 11.54
N ILE B 87 13.26 -2.31 11.24
CA ILE B 87 13.30 -1.15 10.36
C ILE B 87 13.13 0.06 11.24
N VAL B 88 14.04 1.02 11.13
CA VAL B 88 13.97 2.23 11.94
C VAL B 88 13.87 3.43 11.00
N TYR B 89 13.15 4.46 11.41
CA TYR B 89 13.02 5.63 10.54
C TYR B 89 12.72 6.91 11.30
N ASP B 90 13.14 8.03 10.72
CA ASP B 90 12.86 9.32 11.31
C ASP B 90 12.13 10.16 10.27
N GLU B 91 12.09 11.48 10.45
CA GLU B 91 11.35 12.31 9.51
C GLU B 91 11.87 12.44 8.08
N ASN B 92 13.20 12.40 7.89
CA ASN B 92 13.73 12.56 6.54
C ASN B 92 15.16 12.14 6.25
N THR B 93 15.85 11.60 7.24
CA THR B 93 17.23 11.17 7.06
C THR B 93 17.43 10.34 5.79
N ASN B 94 18.44 10.71 5.00
CA ASN B 94 18.79 10.04 3.75
C ASN B 94 20.12 9.31 3.88
N GLU B 95 21.04 9.90 4.62
CA GLU B 95 22.35 9.29 4.85
C GLU B 95 22.57 9.16 6.35
N PRO B 96 22.51 7.93 6.87
CA PRO B 96 22.70 7.65 8.30
C PRO B 96 24.05 8.15 8.84
N SER B 97 25.02 8.31 7.96
CA SER B 97 26.34 8.78 8.38
C SER B 97 26.28 10.24 8.84
N ARG B 98 25.52 11.06 8.13
CA ARG B 98 25.37 12.48 8.49
C ARG B 98 24.59 12.69 9.77
N VAL B 99 24.09 11.61 10.36
CA VAL B 99 23.32 11.69 11.59
C VAL B 99 24.18 11.93 12.83
N MET B 100 23.89 13.01 13.55
CA MET B 100 24.64 13.33 14.78
C MET B 100 24.22 12.35 15.88
N PRO B 101 25.11 12.15 16.88
CA PRO B 101 24.92 11.25 18.03
C PRO B 101 23.74 11.61 18.91
N SER B 102 23.43 12.90 18.98
CA SER B 102 22.34 13.39 19.81
C SER B 102 20.96 13.06 19.25
N GLN B 103 20.87 12.86 17.94
CA GLN B 103 19.58 12.58 17.31
C GLN B 103 18.94 11.24 17.74
N PRO B 104 17.60 11.21 17.86
CA PRO B 104 16.85 10.02 18.26
C PRO B 104 17.13 8.79 17.38
N LEU B 105 17.41 9.03 16.10
CA LEU B 105 17.70 7.94 15.16
C LEU B 105 18.97 7.23 15.60
N HIS B 106 20.02 8.02 15.82
CA HIS B 106 21.28 7.47 16.26
C HIS B 106 21.10 6.72 17.58
N ILE B 107 20.40 7.34 18.51
CA ILE B 107 20.14 6.75 19.83
C ILE B 107 19.45 5.40 19.74
N VAL B 108 18.41 5.33 18.92
CA VAL B 108 17.67 4.08 18.77
C VAL B 108 18.53 3.01 18.07
N LEU B 109 19.38 3.42 17.14
CA LEU B 109 20.24 2.49 16.41
C LEU B 109 21.32 1.89 17.34
N GLU B 110 21.92 2.72 18.19
CA GLU B 110 22.92 2.22 19.12
C GLU B 110 22.29 1.23 20.11
N SER B 111 21.11 1.59 20.63
CA SER B 111 20.43 0.70 21.56
C SER B 111 20.29 -0.69 20.92
N LEU B 112 19.80 -0.72 19.68
CA LEU B 112 19.62 -1.98 18.97
C LEU B 112 20.97 -2.67 18.69
N LYS B 113 21.95 -1.93 18.18
CA LYS B 113 23.24 -2.53 17.92
C LYS B 113 23.91 -3.05 19.19
N ARG B 114 23.74 -2.33 20.30
CA ARG B 114 24.34 -2.75 21.55
C ARG B 114 23.85 -4.15 21.94
N GLU B 115 22.71 -4.56 21.37
CA GLU B 115 22.14 -5.87 21.67
C GLU B 115 22.19 -6.83 20.48
N GLY B 116 23.15 -6.64 19.59
CA GLY B 116 23.31 -7.54 18.46
C GLY B 116 22.53 -7.36 17.18
N LYS B 117 21.51 -6.50 17.18
CA LYS B 117 20.72 -6.29 15.97
C LYS B 117 21.29 -5.19 15.08
N GLU B 118 21.20 -5.40 13.77
CA GLU B 118 21.69 -4.45 12.77
C GLU B 118 20.51 -3.95 11.96
N PRO B 119 19.81 -2.93 12.48
CA PRO B 119 18.65 -2.38 11.78
C PRO B 119 18.94 -1.70 10.45
N LEU B 120 17.90 -1.58 9.64
CA LEU B 120 18.01 -0.92 8.35
C LEU B 120 17.31 0.41 8.54
N VAL B 121 17.86 1.47 7.96
CA VAL B 121 17.24 2.78 8.08
C VAL B 121 16.40 3.02 6.82
N LEU B 122 15.23 3.62 7.00
CA LEU B 122 14.35 3.94 5.88
C LEU B 122 14.95 5.18 5.21
N LYS B 123 15.54 4.96 4.04
CA LYS B 123 16.18 6.02 3.26
C LYS B 123 15.16 7.07 2.89
N GLY B 124 15.34 8.27 3.43
CA GLY B 124 14.40 9.35 3.14
C GLY B 124 13.37 9.54 4.24
N GLY B 125 13.35 8.61 5.21
CA GLY B 125 12.41 8.70 6.30
C GLY B 125 10.96 8.72 5.90
N LEU B 126 10.11 9.28 6.76
CA LEU B 126 8.68 9.33 6.48
C LEU B 126 8.30 10.26 5.32
N SER B 127 9.00 11.39 5.21
CA SER B 127 8.69 12.34 4.13
C SER B 127 8.79 11.68 2.77
N SER B 128 9.74 10.75 2.63
CA SER B 128 9.95 10.03 1.40
C SER B 128 9.05 8.80 1.26
N PHE B 129 8.48 8.34 2.38
CA PHE B 129 7.61 7.17 2.39
C PHE B 129 6.18 7.60 2.10
N LYS B 130 5.76 8.69 2.74
CA LYS B 130 4.41 9.21 2.57
C LYS B 130 4.15 9.71 1.15
N GLN B 131 5.20 9.90 0.38
CA GLN B 131 5.06 10.38 -0.98
C GLN B 131 4.21 9.46 -1.86
N ASN B 132 4.46 8.16 -1.80
CA ASN B 132 3.70 7.22 -2.61
C ASN B 132 2.99 6.15 -1.78
N HIS B 133 3.40 6.00 -0.54
CA HIS B 133 2.79 4.98 0.31
C HIS B 133 2.04 5.54 1.48
N GLU B 134 1.37 6.66 1.24
CA GLU B 134 0.56 7.28 2.27
C GLU B 134 -0.44 6.20 2.67
N ASN B 135 -0.65 5.25 1.77
CA ASN B 135 -1.58 4.15 1.99
C ASN B 135 -1.13 3.15 3.05
N LEU B 136 0.09 3.34 3.55
CA LEU B 136 0.62 2.45 4.58
C LEU B 136 0.95 3.26 5.84
N CYS B 137 0.28 4.40 5.99
CA CYS B 137 0.50 5.26 7.15
C CYS B 137 -0.76 5.41 7.98
N ASP B 138 -0.59 5.86 9.21
CA ASP B 138 -1.68 6.09 10.13
C ASP B 138 -1.74 7.56 10.48
N ASN B 139 -2.91 8.17 10.31
CA ASN B 139 -3.08 9.58 10.61
C ASN B 139 -4.24 9.82 11.57
N SER B 140 -4.19 10.94 12.27
CA SER B 140 -5.23 11.33 13.22
C SER B 140 -5.35 12.85 13.24
N LYS B 141 -6.55 13.35 13.00
CA LYS B 141 -6.78 14.79 12.99
C LYS B 141 -6.91 15.39 14.39
N GLU B 142 -6.13 16.44 14.63
CA GLU B 142 -6.11 17.17 15.91
C GLU B 142 -5.18 18.37 15.86
#